data_2CAB
#
_entry.id   2CAB
#
_cell.length_a   81.500
_cell.length_b   73.600
_cell.length_c   37.100
_cell.angle_alpha   90.00
_cell.angle_beta   90.00
_cell.angle_gamma   90.00
#
_symmetry.space_group_name_H-M   'P 21 21 21'
#
loop_
_entity.id
_entity.type
_entity.pdbx_description
1 polymer 'CARBONIC ANHYDRASE FORM B'
2 non-polymer 'ZINC ION'
#
_entity_poly.entity_id   1
_entity_poly.type   'polypeptide(L)'
_entity_poly.pdbx_seq_one_letter_code
;ASPDWGYDDKNGPEQWSKLYPIANGNNQSPVDIKTSETKHDTSLKPISVSYNPATAKEIINVGHSFHVNFEDNQDRSVLK
GGPFSDSYRLFQFHFHWGSTNEHGSEHTVDGVKYSAELHVAHWNSAKYSSLAEAASKADGLAVIGVLMKVGEANPKLQKV
LDALQAIKTKGKRAPFTNFDPSTLLPSSLDFWTYPGSLTHPPLYESVTWIICKESISVSSEQLAQFRSLLSNVEGDNAVP
MQHNNRPTQPLKGRTVRASF
;
_entity_poly.pdbx_strand_id   A
#
loop_
_chem_comp.id
_chem_comp.type
_chem_comp.name
_chem_comp.formula
ZN non-polymer 'ZINC ION' 'Zn 2'
#
# COMPACT_ATOMS: atom_id res chain seq x y z
N TRP A 5 -4.28 -6.73 16.95
CA TRP A 5 -3.25 -5.69 16.80
C TRP A 5 -4.03 -4.47 16.22
N GLY A 6 -3.45 -3.31 16.28
CA GLY A 6 -4.12 -2.13 15.71
C GLY A 6 -3.09 -1.03 15.53
N TYR A 7 -3.58 0.21 15.66
CA TYR A 7 -2.65 1.34 15.52
C TYR A 7 -2.70 2.16 16.77
N ASP A 8 -3.66 1.80 17.62
CA ASP A 8 -3.77 2.58 18.91
C ASP A 8 -2.49 2.30 19.68
N ASP A 9 -2.40 2.85 20.89
CA ASP A 9 -1.13 2.61 21.61
C ASP A 9 -1.04 1.36 22.38
N LYS A 10 -2.11 0.65 22.59
CA LYS A 10 -2.18 -0.57 23.38
C LYS A 10 -1.82 -1.69 22.45
N ASN A 11 -2.06 -1.48 21.18
CA ASN A 11 -1.74 -2.59 20.24
C ASN A 11 -1.11 -2.22 18.92
N GLY A 12 -0.60 -1.02 18.85
CA GLY A 12 0.02 -0.27 17.83
C GLY A 12 1.39 -0.72 17.40
N PRO A 13 2.00 -0.01 16.48
CA PRO A 13 3.30 -0.34 15.91
C PRO A 13 4.41 -0.63 16.90
N GLU A 14 4.44 0.21 17.95
CA GLU A 14 5.47 0.04 19.00
C GLU A 14 5.30 -1.15 19.88
N GLN A 15 4.25 -1.90 19.77
CA GLN A 15 3.92 -3.09 20.52
C GLN A 15 3.83 -4.35 19.71
N TRP A 16 3.96 -4.16 18.39
CA TRP A 16 3.79 -5.34 17.55
C TRP A 16 4.77 -6.45 17.72
N SER A 17 5.99 -6.08 18.07
CA SER A 17 7.07 -7.07 18.16
C SER A 17 6.79 -8.11 19.23
N LYS A 18 6.01 -7.63 20.17
CA LYS A 18 5.68 -8.52 21.29
C LYS A 18 4.98 -9.77 20.76
N LEU A 19 4.32 -9.66 19.62
CA LEU A 19 3.58 -10.78 19.03
C LEU A 19 4.15 -11.19 17.69
N TYR A 20 4.82 -10.22 17.07
CA TYR A 20 5.45 -10.53 15.72
C TYR A 20 6.86 -9.97 15.82
N PRO A 21 7.74 -10.86 16.24
CA PRO A 21 9.13 -10.50 16.44
C PRO A 21 9.78 -10.03 15.15
N ILE A 22 9.24 -10.47 14.04
CA ILE A 22 9.79 -10.02 12.72
C ILE A 22 9.64 -8.50 12.62
N ALA A 23 8.87 -7.89 13.48
CA ALA A 23 8.68 -6.45 13.55
C ALA A 23 10.05 -5.76 13.66
N ASN A 24 10.96 -6.46 14.30
CA ASN A 24 12.35 -6.11 14.55
C ASN A 24 13.29 -6.75 13.52
N GLY A 25 12.78 -7.28 12.44
CA GLY A 25 13.49 -7.92 11.36
C GLY A 25 14.45 -6.93 10.67
N ASN A 26 15.21 -7.47 9.73
CA ASN A 26 16.18 -6.69 8.97
C ASN A 26 15.66 -6.15 7.67
N ASN A 27 14.44 -6.45 7.34
CA ASN A 27 13.93 -5.95 6.00
C ASN A 27 12.52 -5.42 6.27
N GLN A 28 12.44 -4.64 7.34
CA GLN A 28 11.10 -4.08 7.69
C GLN A 28 10.79 -2.83 6.90
N SER A 29 9.58 -2.57 6.64
CA SER A 29 9.01 -1.44 5.91
C SER A 29 7.99 -0.73 6.83
N PRO A 30 7.72 0.54 6.61
CA PRO A 30 8.33 1.37 5.56
C PRO A 30 9.70 1.83 5.97
N VAL A 31 10.32 2.61 5.11
CA VAL A 31 11.67 3.16 5.31
C VAL A 31 11.66 4.57 4.78
N ASP A 32 12.68 5.28 5.28
CA ASP A 32 12.89 6.65 4.85
C ASP A 32 13.79 6.56 3.58
N ILE A 33 13.34 7.14 2.53
CA ILE A 33 14.19 7.11 1.32
C ILE A 33 15.06 8.39 1.29
N LYS A 34 16.33 8.18 1.57
CA LYS A 34 17.30 9.32 1.51
C LYS A 34 17.80 9.42 0.06
N THR A 35 17.23 10.35 -0.66
CA THR A 35 17.53 10.51 -2.10
C THR A 35 19.02 10.62 -2.39
N SER A 36 19.84 10.99 -1.45
CA SER A 36 21.28 11.13 -1.69
C SER A 36 22.03 9.82 -1.65
N GLU A 37 21.46 8.80 -1.03
CA GLU A 37 22.09 7.50 -0.87
C GLU A 37 21.53 6.46 -1.76
N THR A 38 20.58 6.80 -2.59
CA THR A 38 19.94 5.88 -3.55
C THR A 38 20.98 5.50 -4.60
N LYS A 39 20.94 4.23 -5.02
CA LYS A 39 21.86 3.72 -6.02
C LYS A 39 21.16 3.61 -7.36
N HIS A 40 21.66 4.22 -8.42
CA HIS A 40 21.02 4.11 -9.75
C HIS A 40 21.47 2.80 -10.39
N ASP A 41 20.51 1.93 -10.61
CA ASP A 41 20.69 0.60 -11.20
C ASP A 41 20.32 0.76 -12.67
N THR A 42 21.24 0.55 -13.59
CA THR A 42 21.03 0.66 -15.01
C THR A 42 20.36 -0.61 -15.56
N SER A 43 20.17 -1.64 -14.73
CA SER A 43 19.53 -2.89 -15.06
C SER A 43 18.00 -2.77 -14.86
N LEU A 44 17.60 -1.77 -14.10
CA LEU A 44 16.14 -1.61 -13.88
C LEU A 44 15.46 -1.31 -15.17
N LYS A 45 14.27 -1.84 -15.36
CA LYS A 45 13.52 -1.54 -16.57
C LYS A 45 12.31 -0.70 -16.08
N PRO A 46 11.72 0.00 -16.99
CA PRO A 46 10.54 0.79 -16.62
C PRO A 46 9.49 -0.17 -16.12
N ILE A 47 8.69 0.23 -15.14
CA ILE A 47 7.60 -0.70 -14.75
C ILE A 47 6.44 -0.55 -15.77
N SER A 48 5.89 -1.69 -16.14
CA SER A 48 4.80 -1.84 -17.07
C SER A 48 3.63 -2.46 -16.30
N VAL A 49 2.53 -1.71 -16.14
CA VAL A 49 1.36 -2.21 -15.45
C VAL A 49 0.28 -2.40 -16.56
N SER A 50 -0.40 -3.52 -16.49
CA SER A 50 -1.44 -3.81 -17.42
C SER A 50 -2.50 -4.53 -16.64
N TYR A 51 -3.46 -3.69 -16.30
CA TYR A 51 -4.58 -4.17 -15.55
C TYR A 51 -5.87 -4.11 -16.35
N ASN A 52 -6.64 -5.11 -16.03
CA ASN A 52 -7.99 -5.27 -16.67
C ASN A 52 -9.01 -4.81 -15.65
N PRO A 53 -9.77 -3.78 -15.98
CA PRO A 53 -10.80 -3.24 -15.05
C PRO A 53 -11.80 -4.30 -14.63
N ALA A 54 -12.04 -5.29 -15.46
CA ALA A 54 -13.01 -6.37 -15.07
C ALA A 54 -12.49 -7.19 -13.97
N THR A 55 -11.27 -7.08 -13.48
CA THR A 55 -10.80 -7.93 -12.40
C THR A 55 -11.12 -7.23 -11.02
N ALA A 56 -11.64 -6.06 -11.07
CA ALA A 56 -12.00 -5.36 -9.81
C ALA A 56 -13.16 -6.17 -9.22
N LYS A 57 -13.12 -6.53 -8.01
CA LYS A 57 -14.19 -7.34 -7.43
C LYS A 57 -14.86 -6.77 -6.20
N GLU A 58 -14.18 -6.49 -5.11
CA GLU A 58 -14.93 -6.00 -3.93
C GLU A 58 -14.19 -4.96 -3.16
N ILE A 59 -14.88 -4.20 -2.33
CA ILE A 59 -14.34 -3.24 -1.41
C ILE A 59 -14.72 -3.76 -0.04
N ILE A 60 -13.81 -3.77 0.93
CA ILE A 60 -14.17 -4.32 2.25
C ILE A 60 -13.54 -3.52 3.37
N ASN A 61 -14.35 -3.41 4.42
CA ASN A 61 -13.89 -2.73 5.66
C ASN A 61 -13.25 -3.83 6.50
N VAL A 62 -11.93 -3.81 6.69
CA VAL A 62 -11.17 -4.77 7.46
C VAL A 62 -10.90 -4.24 8.85
N GLY A 63 -11.57 -3.17 9.27
CA GLY A 63 -11.36 -2.64 10.60
C GLY A 63 -10.31 -1.59 10.71
N HIS A 64 -9.07 -1.90 10.40
CA HIS A 64 -7.97 -0.97 10.48
C HIS A 64 -7.83 -0.21 9.18
N SER A 65 -8.47 -0.69 8.11
CA SER A 65 -8.41 -0.04 6.81
C SER A 65 -9.48 -0.59 5.92
N PHE A 66 -9.43 -0.22 4.65
CA PHE A 66 -10.42 -0.76 3.71
C PHE A 66 -9.54 -1.27 2.51
N HIS A 67 -10.01 -2.36 1.99
CA HIS A 67 -9.32 -2.95 0.82
C HIS A 67 -10.23 -3.04 -0.36
N VAL A 68 -9.63 -2.86 -1.53
CA VAL A 68 -10.22 -2.93 -2.84
C VAL A 68 -9.49 -4.17 -3.42
N ASN A 69 -10.26 -5.24 -3.52
CA ASN A 69 -9.68 -6.52 -3.98
C ASN A 69 -10.07 -6.82 -5.41
N PHE A 70 -9.18 -7.57 -6.04
CA PHE A 70 -9.26 -8.01 -7.40
C PHE A 70 -9.19 -9.52 -7.52
N GLU A 71 -9.75 -9.93 -8.64
CA GLU A 71 -9.75 -11.36 -9.07
C GLU A 71 -8.31 -11.73 -9.39
N ASP A 72 -7.84 -12.79 -8.85
CA ASP A 72 -6.46 -13.24 -9.00
C ASP A 72 -6.28 -14.70 -9.31
N ASN A 73 -7.05 -15.11 -10.26
CA ASN A 73 -7.06 -16.50 -10.76
C ASN A 73 -6.42 -16.54 -12.13
N GLN A 74 -6.03 -15.40 -12.69
CA GLN A 74 -5.41 -15.36 -14.03
C GLN A 74 -4.40 -14.18 -14.09
N ASP A 75 -3.71 -14.05 -15.18
CA ASP A 75 -2.74 -12.95 -15.36
C ASP A 75 -3.33 -11.83 -16.16
N ARG A 76 -4.66 -11.61 -16.01
CA ARG A 76 -5.27 -10.48 -16.73
C ARG A 76 -4.67 -9.16 -16.29
N SER A 77 -4.46 -9.02 -14.96
CA SER A 77 -3.85 -7.75 -14.45
C SER A 77 -2.49 -8.04 -13.80
N VAL A 78 -1.46 -7.51 -14.41
CA VAL A 78 -0.10 -7.75 -13.95
C VAL A 78 0.72 -6.52 -14.05
N LEU A 79 1.81 -6.61 -13.29
CA LEU A 79 2.88 -5.70 -13.15
C LEU A 79 4.10 -6.48 -13.68
N LYS A 80 4.85 -5.81 -14.52
CA LYS A 80 6.09 -6.43 -15.10
C LYS A 80 7.10 -5.30 -15.15
N GLY A 81 8.33 -5.63 -15.52
CA GLY A 81 9.36 -4.57 -15.63
C GLY A 81 9.90 -4.29 -14.27
N GLY A 82 10.50 -3.11 -14.13
CA GLY A 82 11.11 -2.79 -12.79
C GLY A 82 12.30 -3.74 -12.67
N PRO A 83 12.46 -4.27 -11.48
CA PRO A 83 13.53 -5.21 -11.12
C PRO A 83 13.17 -6.63 -11.37
N PHE A 84 11.96 -6.87 -11.81
CA PHE A 84 11.39 -8.17 -12.03
C PHE A 84 11.74 -8.86 -13.36
N SER A 85 11.80 -10.13 -13.26
CA SER A 85 12.09 -11.06 -14.38
C SER A 85 10.84 -11.86 -14.68
N ASP A 86 9.81 -11.72 -13.81
CA ASP A 86 8.53 -12.41 -14.00
C ASP A 86 7.36 -11.43 -13.64
N SER A 87 6.22 -11.86 -14.00
CA SER A 87 4.95 -11.10 -13.80
C SER A 87 4.42 -11.28 -12.44
N TYR A 88 3.85 -10.21 -11.86
CA TYR A 88 3.21 -10.21 -10.55
C TYR A 88 1.73 -9.85 -10.79
N ARG A 89 0.89 -10.64 -10.22
CA ARG A 89 -0.57 -10.56 -10.35
C ARG A 89 -1.14 -9.61 -9.28
N LEU A 90 -1.90 -8.67 -9.76
CA LEU A 90 -2.60 -7.70 -8.93
C LEU A 90 -3.64 -8.36 -8.04
N PHE A 91 -3.60 -8.02 -6.77
CA PHE A 91 -4.65 -8.61 -5.89
C PHE A 91 -5.38 -7.53 -5.11
N GLN A 92 -4.79 -6.38 -4.94
CA GLN A 92 -5.45 -5.36 -4.11
C GLN A 92 -4.76 -4.04 -4.11
N PHE A 93 -5.56 -3.01 -3.71
CA PHE A 93 -4.98 -1.67 -3.43
C PHE A 93 -5.68 -1.16 -2.17
N HIS A 94 -4.94 -0.40 -1.40
CA HIS A 94 -5.48 0.16 -0.16
C HIS A 94 -4.67 1.39 0.08
N PHE A 95 -5.11 2.06 1.19
CA PHE A 95 -4.41 3.28 1.54
C PHE A 95 -3.98 3.24 2.99
N HIS A 96 -3.16 4.21 3.26
CA HIS A 96 -2.67 4.54 4.58
C HIS A 96 -2.79 6.05 4.74
N TRP A 97 -3.19 6.41 5.95
CA TRP A 97 -3.33 7.89 6.29
C TRP A 97 -3.05 8.04 7.74
N GLY A 98 -2.96 9.27 8.22
CA GLY A 98 -2.75 9.61 9.62
C GLY A 98 -3.90 10.40 10.19
N SER A 99 -3.80 10.75 11.43
CA SER A 99 -4.85 11.50 12.19
C SER A 99 -4.91 12.92 11.71
N THR A 100 -3.81 13.46 11.15
CA THR A 100 -3.73 14.72 10.56
C THR A 100 -3.60 14.50 9.02
N ASN A 101 -4.07 15.52 8.30
CA ASN A 101 -4.07 15.52 6.87
C ASN A 101 -2.68 15.77 6.32
N GLU A 102 -1.69 16.12 7.14
CA GLU A 102 -0.42 16.39 6.38
C GLU A 102 0.61 15.34 6.69
N HIS A 103 0.32 14.52 7.70
CA HIS A 103 1.30 13.48 8.04
C HIS A 103 0.64 12.14 8.22
N GLY A 104 0.64 11.39 7.10
CA GLY A 104 0.04 10.04 7.23
C GLY A 104 0.61 9.04 6.28
N SER A 105 1.64 9.33 5.54
CA SER A 105 2.20 8.32 4.61
C SER A 105 3.02 7.32 5.47
N GLU A 106 3.42 6.24 4.90
CA GLU A 106 4.27 5.25 5.58
C GLU A 106 5.71 5.52 5.23
N HIS A 107 5.96 5.54 3.93
CA HIS A 107 7.33 5.85 3.45
C HIS A 107 7.45 7.37 3.56
N THR A 108 8.68 7.76 3.75
CA THR A 108 9.07 9.15 3.84
C THR A 108 10.22 9.33 2.86
N VAL A 109 10.43 10.51 2.44
CA VAL A 109 11.50 10.83 1.46
C VAL A 109 12.33 11.95 2.05
N ASP A 110 13.60 11.69 2.24
CA ASP A 110 14.47 12.73 2.87
C ASP A 110 13.82 13.16 4.16
N GLY A 111 13.27 12.24 4.88
CA GLY A 111 12.64 12.41 6.20
C GLY A 111 11.30 13.11 6.23
N VAL A 112 10.77 13.46 5.11
CA VAL A 112 9.54 14.15 4.83
C VAL A 112 8.38 13.11 4.72
N LYS A 113 7.46 13.27 5.58
CA LYS A 113 6.23 12.44 5.65
C LYS A 113 5.18 13.21 4.86
N TYR A 114 4.50 12.54 3.96
CA TYR A 114 3.48 12.99 3.08
C TYR A 114 2.13 12.74 3.78
N SER A 115 1.06 13.21 3.16
CA SER A 115 -0.30 13.07 3.82
C SER A 115 -0.85 11.71 3.85
N ALA A 116 -0.64 10.87 2.81
CA ALA A 116 -1.22 9.52 2.75
C ALA A 116 -0.40 8.72 1.73
N GLU A 117 -0.73 7.44 1.69
CA GLU A 117 -0.02 6.53 0.81
C GLU A 117 -0.90 5.54 0.18
N LEU A 118 -0.74 5.38 -1.13
CA LEU A 118 -1.46 4.40 -1.88
C LEU A 118 -0.60 3.13 -2.07
N HIS A 119 -1.09 1.99 -1.78
CA HIS A 119 -0.36 0.68 -1.99
C HIS A 119 -1.13 -0.23 -2.95
N VAL A 120 -0.53 -0.65 -4.01
CA VAL A 120 -0.99 -1.53 -5.09
C VAL A 120 -0.15 -2.79 -4.96
N ALA A 121 -0.80 -3.83 -4.58
CA ALA A 121 -0.04 -5.11 -4.22
C ALA A 121 -0.38 -6.16 -5.21
N HIS A 122 0.62 -6.93 -5.53
CA HIS A 122 0.65 -8.02 -6.47
C HIS A 122 1.48 -9.17 -5.89
N TRP A 123 1.18 -10.42 -6.35
CA TRP A 123 1.94 -11.55 -5.80
C TRP A 123 2.57 -12.30 -7.00
N ASN A 124 3.66 -13.02 -6.72
CA ASN A 124 4.48 -13.73 -7.68
C ASN A 124 3.79 -15.02 -8.13
N SER A 125 3.00 -14.90 -9.13
CA SER A 125 2.17 -15.88 -9.84
C SER A 125 3.06 -16.90 -10.57
N ALA A 126 4.21 -16.42 -11.04
CA ALA A 126 5.15 -17.28 -11.74
C ALA A 126 5.82 -18.28 -10.82
N LYS A 127 6.40 -17.89 -9.73
CA LYS A 127 7.10 -18.78 -8.80
C LYS A 127 6.16 -19.47 -7.84
N TYR A 128 4.98 -18.93 -7.55
CA TYR A 128 4.08 -19.60 -6.58
C TYR A 128 2.68 -19.73 -7.07
N SER A 129 1.98 -20.63 -6.38
CA SER A 129 0.57 -20.89 -6.76
C SER A 129 -0.47 -20.01 -6.16
N SER A 130 -0.34 -19.57 -4.94
CA SER A 130 -1.41 -18.76 -4.30
C SER A 130 -0.84 -17.58 -3.53
N LEU A 131 -1.70 -16.55 -3.31
CA LEU A 131 -1.19 -15.40 -2.56
C LEU A 131 -0.70 -15.86 -1.17
N ALA A 132 -1.47 -16.78 -0.61
CA ALA A 132 -1.24 -17.35 0.69
C ALA A 132 0.23 -17.86 0.80
N GLU A 133 0.54 -18.66 -0.17
CA GLU A 133 1.87 -19.28 -0.25
C GLU A 133 2.97 -18.27 -0.53
N ALA A 134 2.74 -17.36 -1.49
CA ALA A 134 3.72 -16.34 -1.89
C ALA A 134 3.98 -15.24 -0.90
N ALA A 135 2.96 -15.00 -0.05
CA ALA A 135 2.96 -13.96 0.93
C ALA A 135 4.11 -14.04 1.90
N SER A 136 4.64 -15.18 2.16
CA SER A 136 5.77 -15.33 3.11
C SER A 136 7.11 -15.49 2.42
N LYS A 137 7.15 -15.55 1.14
CA LYS A 137 8.49 -15.71 0.44
C LYS A 137 9.10 -14.39 0.10
N ALA A 138 10.43 -14.40 0.06
CA ALA A 138 11.21 -13.17 -0.20
C ALA A 138 10.86 -12.54 -1.52
N ASP A 139 10.58 -13.28 -2.56
CA ASP A 139 10.18 -12.78 -3.87
C ASP A 139 8.66 -12.85 -4.03
N GLY A 140 7.93 -13.09 -2.99
CA GLY A 140 6.48 -13.24 -2.98
C GLY A 140 5.57 -12.14 -3.49
N LEU A 141 5.70 -10.94 -2.93
CA LEU A 141 4.92 -9.76 -3.23
C LEU A 141 5.67 -8.60 -3.85
N ALA A 142 4.91 -7.84 -4.67
CA ALA A 142 5.45 -6.63 -5.29
C ALA A 142 4.38 -5.53 -4.95
N VAL A 143 4.77 -4.47 -4.32
CA VAL A 143 3.88 -3.41 -3.97
C VAL A 143 4.37 -2.06 -4.49
N ILE A 144 3.37 -1.44 -5.16
CA ILE A 144 3.68 -0.04 -5.66
C ILE A 144 3.17 0.90 -4.53
N GLY A 145 4.01 1.72 -4.03
CA GLY A 145 3.67 2.75 -3.05
C GLY A 145 3.68 4.11 -3.78
N VAL A 146 2.57 4.83 -3.63
CA VAL A 146 2.43 6.18 -4.23
C VAL A 146 2.16 7.13 -3.11
N LEU A 147 3.02 8.12 -3.02
CA LEU A 147 2.91 9.17 -1.96
C LEU A 147 1.82 10.15 -2.37
N MET A 148 1.02 10.55 -1.40
CA MET A 148 -0.11 11.45 -1.55
C MET A 148 0.19 12.74 -0.77
N LYS A 149 0.04 13.82 -1.50
CA LYS A 149 0.27 15.18 -0.98
C LYS A 149 -1.07 15.94 -0.85
N VAL A 150 -1.36 16.42 0.36
CA VAL A 150 -2.62 17.17 0.53
C VAL A 150 -2.49 18.46 -0.32
N GLY A 151 -3.58 18.77 -1.02
CA GLY A 151 -3.64 19.95 -1.89
C GLY A 151 -5.02 19.88 -2.57
N GLU A 152 -4.91 20.00 -3.86
CA GLU A 152 -6.10 19.94 -4.76
C GLU A 152 -6.76 18.58 -4.63
N ALA A 153 -8.10 18.58 -4.69
CA ALA A 153 -8.86 17.32 -4.59
C ALA A 153 -8.40 16.49 -5.80
N ASN A 154 -8.33 15.20 -5.65
CA ASN A 154 -7.95 14.25 -6.70
C ASN A 154 -9.26 13.65 -7.18
N PRO A 155 -9.70 14.00 -8.35
CA PRO A 155 -10.96 13.48 -8.88
C PRO A 155 -10.82 11.99 -9.22
N LYS A 156 -9.65 11.45 -9.38
CA LYS A 156 -9.54 9.99 -9.66
C LYS A 156 -9.92 9.14 -8.47
N LEU A 157 -10.08 9.72 -7.27
CA LEU A 157 -10.43 8.98 -6.10
C LEU A 157 -11.88 8.85 -5.84
N GLN A 158 -12.69 9.53 -6.53
CA GLN A 158 -14.17 9.59 -6.35
C GLN A 158 -14.83 8.28 -6.29
N LYS A 159 -14.61 7.28 -7.19
CA LYS A 159 -15.31 6.02 -7.07
C LYS A 159 -15.04 5.30 -5.75
N VAL A 160 -13.82 5.41 -5.30
CA VAL A 160 -13.43 4.82 -4.02
C VAL A 160 -14.15 5.53 -2.87
N LEU A 161 -14.13 6.85 -2.98
CA LEU A 161 -14.77 7.62 -1.86
C LEU A 161 -16.25 7.33 -1.81
N ASP A 162 -16.86 7.24 -2.99
CA ASP A 162 -18.30 7.01 -3.04
C ASP A 162 -18.65 5.65 -2.47
N ALA A 163 -17.76 4.72 -2.71
CA ALA A 163 -17.99 3.33 -2.26
C ALA A 163 -17.96 3.14 -0.77
N LEU A 164 -17.25 3.98 -0.08
CA LEU A 164 -17.05 3.97 1.36
C LEU A 164 -18.35 4.13 2.14
N GLN A 165 -19.36 4.73 1.52
CA GLN A 165 -20.66 4.95 2.16
C GLN A 165 -21.29 3.58 2.41
N ALA A 166 -20.94 2.55 1.64
CA ALA A 166 -21.52 1.21 1.80
C ALA A 166 -20.75 0.29 2.67
N ILE A 167 -19.54 0.66 3.14
CA ILE A 167 -18.74 -0.22 4.00
C ILE A 167 -18.27 0.56 5.21
N LYS A 168 -19.21 1.27 5.84
CA LYS A 168 -18.85 2.14 6.98
C LYS A 168 -18.26 1.43 8.13
N THR A 169 -18.69 0.23 8.48
CA THR A 169 -18.25 -0.55 9.59
C THR A 169 -17.53 -1.82 9.19
N LYS A 170 -16.80 -2.32 10.13
CA LYS A 170 -15.95 -3.50 10.00
C LYS A 170 -16.68 -4.71 9.52
N GLY A 171 -16.06 -5.39 8.50
CA GLY A 171 -16.65 -6.62 7.95
C GLY A 171 -17.62 -6.39 6.85
N LYS A 172 -17.96 -5.11 6.57
CA LYS A 172 -18.88 -4.84 5.50
C LYS A 172 -18.07 -4.94 4.17
N ARG A 173 -18.78 -5.51 3.22
CA ARG A 173 -18.21 -5.68 1.89
C ARG A 173 -19.31 -5.13 0.92
N ALA A 174 -18.91 -4.72 -0.22
CA ALA A 174 -19.68 -4.23 -1.33
C ALA A 174 -18.89 -4.56 -2.61
N PRO A 175 -19.62 -5.00 -3.64
CA PRO A 175 -19.07 -5.26 -4.93
C PRO A 175 -18.40 -3.95 -5.35
N PHE A 176 -17.30 -4.00 -6.00
CA PHE A 176 -16.51 -2.83 -6.47
C PHE A 176 -15.95 -3.35 -7.78
N THR A 177 -16.65 -2.96 -8.87
CA THR A 177 -16.16 -3.50 -10.16
C THR A 177 -15.74 -2.51 -11.13
N ASN A 178 -15.24 -3.02 -12.23
CA ASN A 178 -14.79 -2.22 -13.39
C ASN A 178 -13.91 -1.05 -13.11
N PHE A 179 -12.85 -1.22 -12.39
CA PHE A 179 -11.96 -0.13 -12.04
C PHE A 179 -10.56 -0.57 -12.33
N ASP A 180 -9.85 0.33 -12.96
CA ASP A 180 -8.42 0.08 -13.32
C ASP A 180 -7.65 1.04 -12.37
N PRO A 181 -6.92 0.43 -11.48
CA PRO A 181 -6.14 1.15 -10.46
C PRO A 181 -4.98 1.94 -11.05
N SER A 182 -4.62 1.58 -12.26
CA SER A 182 -3.48 2.30 -12.91
C SER A 182 -3.83 3.76 -13.07
N THR A 183 -5.11 4.07 -12.96
CA THR A 183 -5.64 5.44 -13.08
C THR A 183 -5.22 6.24 -11.83
N LEU A 184 -4.82 5.58 -10.76
CA LEU A 184 -4.43 6.28 -9.51
C LEU A 184 -2.94 6.63 -9.51
N LEU A 185 -2.15 6.00 -10.36
CA LEU A 185 -0.74 6.22 -10.46
C LEU A 185 -0.40 7.57 -11.12
N PRO A 186 0.75 8.05 -10.75
CA PRO A 186 1.28 9.31 -11.25
C PRO A 186 1.59 9.15 -12.72
N SER A 187 1.88 10.27 -13.32
CA SER A 187 2.21 10.46 -14.72
C SER A 187 3.43 9.69 -15.16
N SER A 188 4.44 9.87 -14.34
CA SER A 188 5.76 9.17 -14.59
C SER A 188 5.87 8.12 -13.54
N LEU A 189 6.48 7.02 -13.99
CA LEU A 189 6.65 5.85 -13.10
C LEU A 189 8.10 5.56 -12.79
N ASP A 190 8.79 6.67 -12.70
CA ASP A 190 10.22 6.49 -12.28
C ASP A 190 10.04 6.03 -10.85
N PHE A 191 10.96 5.21 -10.38
CA PHE A 191 10.78 4.64 -9.04
C PHE A 191 12.04 4.41 -8.33
N TRP A 192 11.78 4.14 -7.01
CA TRP A 192 12.80 3.70 -6.08
C TRP A 192 12.34 2.24 -5.75
N THR A 193 13.37 1.42 -5.49
CA THR A 193 12.97 0.00 -5.13
C THR A 193 13.87 -0.50 -4.05
N TYR A 194 13.29 -1.33 -3.19
CA TYR A 194 14.06 -1.98 -2.13
C TYR A 194 13.31 -3.19 -1.66
N PRO A 195 14.00 -4.17 -1.08
CA PRO A 195 13.35 -5.35 -0.51
C PRO A 195 12.85 -4.98 0.91
N GLY A 196 11.61 -5.26 1.16
CA GLY A 196 11.04 -4.92 2.47
C GLY A 196 9.97 -5.86 2.86
N SER A 197 8.99 -5.39 3.59
CA SER A 197 7.92 -6.18 4.10
C SER A 197 6.57 -5.49 4.00
N LEU A 198 5.65 -6.24 4.58
CA LEU A 198 4.24 -5.81 4.74
C LEU A 198 4.40 -4.75 5.85
N THR A 199 3.55 -3.78 5.87
CA THR A 199 3.73 -2.71 6.89
C THR A 199 2.90 -2.93 8.15
N HIS A 200 2.27 -4.09 8.19
CA HIS A 200 1.50 -4.44 9.40
C HIS A 200 1.47 -5.96 9.43
N PRO A 201 1.15 -6.48 10.61
CA PRO A 201 1.09 -7.91 10.85
C PRO A 201 0.42 -8.56 9.68
N PRO A 202 0.86 -9.69 9.20
CA PRO A 202 1.98 -10.47 9.72
C PRO A 202 3.38 -9.93 9.57
N LEU A 203 3.64 -8.85 8.87
CA LEU A 203 4.94 -8.20 8.71
C LEU A 203 5.95 -9.02 7.92
N TYR A 204 5.44 -9.91 7.11
CA TYR A 204 6.32 -10.76 6.25
C TYR A 204 7.27 -9.93 5.40
N GLU A 205 8.54 -10.42 5.37
CA GLU A 205 9.55 -9.66 4.54
C GLU A 205 9.62 -10.32 3.20
N SER A 206 8.47 -10.17 2.52
CA SER A 206 8.24 -10.78 1.23
C SER A 206 7.96 -9.77 0.16
N VAL A 207 8.26 -8.47 0.45
CA VAL A 207 7.86 -7.47 -0.55
C VAL A 207 9.03 -6.78 -1.21
N THR A 208 8.83 -6.62 -2.46
CA THR A 208 9.69 -5.84 -3.36
C THR A 208 8.88 -4.55 -3.59
N TRP A 209 9.40 -3.53 -2.96
CA TRP A 209 8.80 -2.19 -3.06
C TRP A 209 9.24 -1.46 -4.26
N ILE A 210 8.29 -0.79 -4.80
CA ILE A 210 8.39 0.16 -5.91
C ILE A 210 7.75 1.43 -5.40
N ILE A 211 8.53 2.43 -5.09
CA ILE A 211 7.96 3.70 -4.58
C ILE A 211 8.14 4.69 -5.71
N CYS A 212 7.02 5.21 -6.09
CA CYS A 212 7.01 6.17 -7.23
C CYS A 212 7.61 7.43 -6.74
N LYS A 213 8.45 8.01 -7.58
CA LYS A 213 9.11 9.26 -7.32
C LYS A 213 8.10 10.40 -7.25
N GLU A 214 7.15 10.39 -8.10
CA GLU A 214 6.10 11.39 -8.28
C GLU A 214 4.92 11.09 -7.34
N SER A 215 4.48 12.14 -6.72
CA SER A 215 3.28 11.94 -5.81
C SER A 215 2.05 12.36 -6.58
N ILE A 216 0.92 12.08 -6.02
CA ILE A 216 -0.40 12.40 -6.47
C ILE A 216 -1.08 13.24 -5.39
N SER A 217 -2.14 13.97 -5.79
CA SER A 217 -2.81 14.79 -4.76
C SER A 217 -4.03 14.12 -4.18
N VAL A 218 -4.53 14.69 -3.12
CA VAL A 218 -5.69 14.37 -2.34
C VAL A 218 -6.11 15.65 -1.59
N SER A 219 -7.35 15.88 -1.34
CA SER A 219 -7.69 17.11 -0.54
C SER A 219 -7.94 16.74 0.88
N SER A 220 -8.04 17.74 1.77
CA SER A 220 -8.37 17.52 3.19
C SER A 220 -9.66 16.78 3.42
N GLU A 221 -10.69 17.24 2.67
CA GLU A 221 -11.98 16.61 2.88
C GLU A 221 -12.00 15.21 2.29
N GLN A 222 -11.11 14.94 1.36
CA GLN A 222 -11.07 13.54 0.76
C GLN A 222 -10.51 12.65 1.82
N LEU A 223 -9.48 13.06 2.55
CA LEU A 223 -8.84 12.27 3.61
C LEU A 223 -9.76 12.18 4.83
N ALA A 224 -10.56 13.28 4.99
CA ALA A 224 -11.47 13.24 6.18
C ALA A 224 -12.46 12.11 6.00
N GLN A 225 -12.78 11.75 4.77
CA GLN A 225 -13.71 10.69 4.43
C GLN A 225 -13.20 9.31 4.85
N PHE A 226 -11.88 9.15 4.69
CA PHE A 226 -11.32 7.84 5.08
C PHE A 226 -11.41 7.68 6.61
N ARG A 227 -11.08 8.83 7.21
CA ARG A 227 -11.04 8.81 8.73
C ARG A 227 -12.42 8.73 9.31
N SER A 228 -13.44 8.89 8.49
CA SER A 228 -14.82 8.78 8.85
C SER A 228 -15.32 7.35 8.86
N LEU A 229 -14.56 6.41 8.25
CA LEU A 229 -14.88 5.01 8.27
C LEU A 229 -14.77 4.54 9.73
N LEU A 230 -15.58 3.56 9.99
CA LEU A 230 -15.62 3.01 11.41
C LEU A 230 -14.96 1.68 11.52
N SER A 231 -14.25 1.53 12.63
CA SER A 231 -13.48 0.33 12.96
C SER A 231 -14.30 -0.69 13.71
N ASN A 232 -15.42 -0.27 14.21
CA ASN A 232 -16.32 -1.14 15.00
C ASN A 232 -17.27 -1.84 14.05
N VAL A 233 -17.94 -2.86 14.58
CA VAL A 233 -18.95 -3.54 13.74
C VAL A 233 -20.24 -2.75 13.95
N GLU A 234 -21.10 -2.81 13.02
CA GLU A 234 -22.41 -2.19 12.96
C GLU A 234 -23.15 -2.32 14.28
N GLY A 235 -23.74 -1.22 14.74
CA GLY A 235 -24.48 -1.38 16.04
C GLY A 235 -23.72 -0.97 17.26
N ASP A 236 -22.40 -1.11 17.27
CA ASP A 236 -21.55 -0.77 18.42
C ASP A 236 -21.27 0.73 18.42
N ASN A 237 -20.65 1.20 19.48
CA ASN A 237 -20.30 2.66 19.55
C ASN A 237 -19.30 2.90 18.44
N ALA A 238 -19.31 4.08 17.92
CA ALA A 238 -18.44 4.56 16.80
C ALA A 238 -17.04 4.74 17.21
N VAL A 239 -16.10 4.15 16.49
CA VAL A 239 -14.67 4.18 16.69
C VAL A 239 -14.07 4.39 15.30
N PRO A 240 -13.71 5.64 15.08
CA PRO A 240 -13.20 6.09 13.77
C PRO A 240 -11.83 5.54 13.41
N MET A 241 -11.70 5.32 12.09
CA MET A 241 -10.43 4.80 11.53
C MET A 241 -9.54 6.03 11.40
N GLN A 242 -9.05 6.50 12.55
CA GLN A 242 -8.24 7.75 12.59
C GLN A 242 -6.92 7.70 11.87
N HIS A 243 -6.21 6.59 11.92
CA HIS A 243 -4.90 6.44 11.23
C HIS A 243 -4.50 4.98 11.13
N ASN A 244 -3.57 4.70 10.22
CA ASN A 244 -3.13 3.29 10.03
C ASN A 244 -1.76 3.29 9.36
N ASN A 245 -0.97 4.22 9.72
CA ASN A 245 0.41 4.28 9.07
C ASN A 245 1.44 3.83 10.07
N ARG A 246 2.36 3.02 9.63
CA ARG A 246 3.45 2.54 10.55
C ARG A 246 4.66 3.45 10.40
N PRO A 247 5.31 3.72 11.51
CA PRO A 247 6.53 4.51 11.53
C PRO A 247 7.63 3.82 10.67
N THR A 248 8.55 4.55 10.15
CA THR A 248 9.69 4.06 9.33
C THR A 248 10.65 3.21 10.16
N GLN A 249 11.19 2.22 9.47
CA GLN A 249 12.08 1.27 10.15
C GLN A 249 13.50 1.40 9.63
N PRO A 250 14.43 1.05 10.46
CA PRO A 250 15.85 1.06 10.05
C PRO A 250 16.11 0.26 8.80
N LEU A 251 16.90 0.88 7.92
CA LEU A 251 17.31 0.32 6.64
C LEU A 251 18.10 -0.95 6.81
N LYS A 252 18.93 -1.04 7.85
CA LYS A 252 19.75 -2.22 8.15
C LYS A 252 20.52 -2.80 6.96
N GLY A 253 21.20 -1.95 6.30
CA GLY A 253 22.08 -2.09 5.22
C GLY A 253 21.49 -2.42 3.89
N ARG A 254 20.19 -2.09 3.76
CA ARG A 254 19.55 -2.35 2.44
C ARG A 254 19.92 -1.20 1.54
N THR A 255 19.81 -1.46 0.23
CA THR A 255 20.10 -0.43 -0.75
C THR A 255 18.83 -0.09 -1.48
N VAL A 256 18.54 1.17 -1.59
CA VAL A 256 17.36 1.66 -2.33
C VAL A 256 17.90 1.99 -3.72
N ARG A 257 17.39 1.28 -4.70
CA ARG A 257 17.82 1.55 -6.07
C ARG A 257 16.85 2.48 -6.76
N ALA A 258 17.38 3.30 -7.67
CA ALA A 258 16.53 4.20 -8.43
C ALA A 258 16.56 3.81 -9.92
N SER A 259 15.46 3.97 -10.53
CA SER A 259 15.11 3.72 -11.96
C SER A 259 15.76 4.79 -12.84
N PHE A 260 16.22 5.84 -12.20
CA PHE A 260 16.85 7.04 -12.75
C PHE A 260 17.95 7.65 -11.91
ZN ZN B . -0.28 -0.88 2.80
#